data_2VSP
#
_entry.id   2VSP
#
_cell.length_a   99.327
_cell.length_b   99.327
_cell.length_c   97.114
_cell.angle_alpha   90.00
_cell.angle_beta   90.00
_cell.angle_gamma   120.00
#
_symmetry.space_group_name_H-M   'H 3'
#
loop_
_entity.id
_entity.type
_entity.pdbx_description
1 polymer 'PDZ DOMAIN-CONTAINING PROTEIN 1'
2 water water
#
_entity_poly.entity_id   1
_entity_poly.type   'polypeptide(L)'
_entity_poly.pdbx_seq_one_letter_code
;SMKPKLCRLAKGENGYGFHLNAIRGLPGSFIKEVQKGGPADLAGLEDEDVIIEVNGVNVLDEPYEKVVDRIQSSGKNVTL
LVCGKKAQDTV
;
_entity_poly.pdbx_strand_id   A,B,C,D
#
# COMPACT_ATOMS: atom_id res chain seq x y z
N MET A 2 14.95 -0.07 -22.42
CA MET A 2 15.70 -1.27 -22.80
C MET A 2 16.43 -1.86 -21.60
N LYS A 3 16.55 -1.09 -20.53
CA LYS A 3 17.21 -1.54 -19.32
C LYS A 3 16.30 -1.44 -18.11
N PRO A 4 16.27 -2.50 -17.30
CA PRO A 4 15.47 -2.51 -16.07
C PRO A 4 16.29 -2.01 -14.87
N LYS A 5 15.69 -1.13 -14.09
CA LYS A 5 16.30 -0.61 -12.87
C LYS A 5 15.38 -0.90 -11.69
N LEU A 6 15.98 -1.33 -10.60
CA LEU A 6 15.24 -1.59 -9.37
C LEU A 6 15.71 -0.58 -8.35
N CYS A 7 14.79 0.20 -7.79
CA CYS A 7 15.22 1.23 -6.82
C CYS A 7 14.22 1.58 -5.73
N ARG A 8 14.75 2.22 -4.69
CA ARG A 8 13.97 2.48 -3.49
C ARG A 8 14.12 3.95 -3.12
N LEU A 9 13.00 4.66 -3.18
CA LEU A 9 12.95 6.08 -2.90
C LEU A 9 12.53 6.38 -1.45
N ALA A 10 13.28 7.28 -0.81
CA ALA A 10 12.89 7.81 0.48
C ALA A 10 12.25 9.15 0.25
N LYS A 11 11.01 9.31 0.72
CA LYS A 11 10.27 10.55 0.52
C LYS A 11 11.07 11.71 1.09
N GLY A 12 11.03 12.84 0.39
CA GLY A 12 11.76 14.03 0.82
C GLY A 12 10.82 15.08 1.37
N GLU A 13 11.38 16.24 1.75
CA GLU A 13 10.56 17.35 2.21
C GLU A 13 9.41 17.63 1.24
N ASN A 14 9.71 17.41 -0.06
CA ASN A 14 8.71 17.60 -1.10
C ASN A 14 8.53 16.38 -2.00
N GLY A 15 8.14 15.26 -1.39
CA GLY A 15 7.78 14.07 -2.12
C GLY A 15 8.94 13.24 -2.63
N TYR A 16 8.67 12.43 -3.65
CA TYR A 16 9.69 11.56 -4.22
C TYR A 16 10.47 12.26 -5.32
N GLY A 17 10.03 13.45 -5.70
CA GLY A 17 10.72 14.23 -6.71
C GLY A 17 10.53 13.77 -8.15
N PHE A 18 9.30 13.40 -8.51
CA PHE A 18 8.93 13.10 -9.89
C PHE A 18 7.41 13.07 -10.04
N HIS A 19 6.94 13.09 -11.28
CA HIS A 19 5.52 12.92 -11.54
C HIS A 19 5.28 11.76 -12.49
N LEU A 20 4.10 11.16 -12.37
CA LEU A 20 3.70 10.09 -13.29
C LEU A 20 2.89 10.69 -14.41
N ASN A 21 3.21 10.32 -15.63
CA ASN A 21 2.36 10.71 -16.73
C ASN A 21 1.84 9.43 -17.29
N ALA A 22 0.71 9.51 -17.97
CA ALA A 22 0.21 8.38 -18.72
C ALA A 22 -0.08 8.96 -20.08
N ILE A 23 -0.38 8.09 -21.03
CA ILE A 23 -0.97 8.51 -22.29
C ILE A 23 -2.32 7.85 -22.52
N ARG A 24 -3.23 8.57 -23.17
CA ARG A 24 -4.64 8.55 -22.82
C ARG A 24 -5.30 7.24 -23.24
N GLY A 25 -4.93 6.16 -22.57
CA GLY A 25 -5.54 4.86 -22.81
C GLY A 25 -4.63 3.92 -23.57
N LEU A 26 -3.45 4.41 -23.93
CA LEU A 26 -2.22 3.65 -23.75
C LEU A 26 -2.08 3.16 -22.31
N PRO A 27 -1.72 1.88 -22.16
CA PRO A 27 -1.45 1.31 -20.84
C PRO A 27 -0.09 1.74 -20.37
N GLY A 28 0.16 1.62 -19.07
CA GLY A 28 1.47 1.90 -18.53
C GLY A 28 1.57 3.31 -17.99
N SER A 29 2.53 3.49 -17.09
CA SER A 29 2.77 4.78 -16.45
C SER A 29 4.26 5.01 -16.53
N PHE A 30 4.62 6.23 -16.84
CA PHE A 30 6.03 6.54 -16.96
C PHE A 30 6.38 7.81 -16.23
N ILE A 31 7.65 7.96 -15.92
CA ILE A 31 8.12 9.08 -15.13
C ILE A 31 8.23 10.34 -15.98
N LYS A 32 7.85 11.47 -15.40
CA LYS A 32 7.63 12.66 -16.23
C LYS A 32 8.53 13.83 -15.87
N GLU A 33 8.69 14.14 -14.58
CA GLU A 33 9.37 15.38 -14.23
C GLU A 33 10.37 15.21 -13.10
N VAL A 34 11.45 14.49 -13.37
CA VAL A 34 12.41 14.14 -12.33
C VAL A 34 13.13 15.38 -11.77
N GLN A 35 12.88 15.68 -10.51
CA GLN A 35 13.46 16.84 -9.86
C GLN A 35 14.96 16.62 -9.65
N LYS A 36 15.76 17.48 -10.25
CA LYS A 36 17.21 17.41 -10.09
C LYS A 36 17.58 17.41 -8.60
N GLY A 37 18.35 16.41 -8.20
CA GLY A 37 18.77 16.28 -6.82
C GLY A 37 17.74 15.67 -5.89
N GLY A 38 16.56 15.34 -6.42
CA GLY A 38 15.51 14.74 -5.62
C GLY A 38 15.75 13.27 -5.44
N PRO A 39 14.90 12.62 -4.62
CA PRO A 39 15.03 11.18 -4.36
C PRO A 39 15.06 10.34 -5.65
N ALA A 40 14.07 10.52 -6.52
CA ALA A 40 14.03 9.78 -7.78
C ALA A 40 15.31 10.03 -8.57
N ASP A 41 15.73 11.29 -8.63
CA ASP A 41 16.92 11.63 -9.38
C ASP A 41 18.15 10.89 -8.86
N LEU A 42 18.33 10.91 -7.55
CA LEU A 42 19.49 10.29 -6.92
C LEU A 42 19.44 8.78 -7.05
N ALA A 43 18.24 8.23 -7.02
CA ALA A 43 18.05 6.78 -7.15
C ALA A 43 18.24 6.24 -8.57
N GLY A 44 18.51 7.13 -9.53
CA GLY A 44 18.84 6.70 -10.88
C GLY A 44 17.73 6.80 -11.93
N LEU A 45 16.52 7.15 -11.50
CA LEU A 45 15.39 7.25 -12.41
C LEU A 45 15.52 8.38 -13.43
N GLU A 46 14.82 8.24 -14.55
CA GLU A 46 14.87 9.21 -15.65
C GLU A 46 13.53 9.36 -16.38
N ASP A 47 13.32 10.53 -17.00
CA ASP A 47 12.07 10.80 -17.70
CA ASP A 47 12.05 10.89 -17.73
C ASP A 47 11.76 9.68 -18.67
N GLU A 48 10.49 9.32 -18.74
CA GLU A 48 9.99 8.32 -19.67
C GLU A 48 10.34 6.88 -19.28
N ASP A 49 10.89 6.70 -18.08
CA ASP A 49 11.05 5.37 -17.51
C ASP A 49 9.66 4.79 -17.29
N VAL A 50 9.47 3.53 -17.67
CA VAL A 50 8.19 2.86 -17.49
C VAL A 50 8.11 2.08 -16.17
N ILE A 51 7.05 2.31 -15.42
CA ILE A 51 6.86 1.58 -14.17
C ILE A 51 6.32 0.18 -14.44
N ILE A 52 6.98 -0.81 -13.88
CA ILE A 52 6.58 -2.19 -14.09
C ILE A 52 6.04 -2.75 -12.78
N GLU A 53 6.74 -2.47 -11.70
CA GLU A 53 6.30 -2.88 -10.38
C GLU A 53 6.38 -1.76 -9.35
N VAL A 54 5.34 -1.65 -8.54
CA VAL A 54 5.39 -0.82 -7.35
C VAL A 54 5.35 -1.75 -6.13
N ASN A 55 6.38 -1.69 -5.30
CA ASN A 55 6.46 -2.55 -4.12
C ASN A 55 6.20 -4.02 -4.45
N GLY A 56 6.85 -4.49 -5.52
CA GLY A 56 6.77 -5.89 -5.91
C GLY A 56 5.52 -6.28 -6.68
N VAL A 57 4.58 -5.36 -6.82
CA VAL A 57 3.33 -5.65 -7.54
C VAL A 57 3.40 -5.12 -8.97
N ASN A 58 3.24 -6.03 -9.94
CA ASN A 58 3.14 -5.65 -11.34
C ASN A 58 1.93 -4.75 -11.56
N VAL A 59 2.13 -3.60 -12.21
CA VAL A 59 1.04 -2.61 -12.39
C VAL A 59 0.81 -2.28 -13.84
N LEU A 60 1.22 -3.17 -14.73
CA LEU A 60 1.05 -2.92 -16.16
C LEU A 60 -0.41 -2.96 -16.59
N ASP A 61 -1.17 -3.90 -16.02
CA ASP A 61 -2.59 -4.04 -16.30
C ASP A 61 -3.45 -3.18 -15.37
N GLU A 62 -2.88 -2.11 -14.84
CA GLU A 62 -3.60 -1.24 -13.94
C GLU A 62 -3.69 0.17 -14.50
N PRO A 63 -4.84 0.82 -14.31
CA PRO A 63 -5.08 2.21 -14.73
C PRO A 63 -4.08 3.15 -14.08
N TYR A 64 -3.78 4.25 -14.77
CA TYR A 64 -2.86 5.25 -14.29
C TYR A 64 -3.20 5.67 -12.86
N GLU A 65 -4.48 5.78 -12.57
CA GLU A 65 -4.96 6.21 -11.24
C GLU A 65 -4.61 5.25 -10.11
N LYS A 66 -4.69 3.95 -10.38
CA LYS A 66 -4.30 2.94 -9.39
C LYS A 66 -2.79 2.99 -9.13
N VAL A 67 -2.02 3.21 -10.18
CA VAL A 67 -0.58 3.29 -10.05
C VAL A 67 -0.18 4.50 -9.20
N VAL A 68 -0.82 5.64 -9.44
CA VAL A 68 -0.60 6.82 -8.62
C VAL A 68 -0.96 6.53 -7.16
N ASP A 69 -2.11 5.92 -6.94
CA ASP A 69 -2.53 5.56 -5.60
C ASP A 69 -1.52 4.67 -4.89
N ARG A 70 -1.07 3.60 -5.55
CA ARG A 70 -0.09 2.71 -4.94
C ARG A 70 1.16 3.43 -4.43
N ILE A 71 1.67 4.36 -5.22
CA ILE A 71 2.87 5.09 -4.88
C ILE A 71 2.63 6.04 -3.70
N GLN A 72 1.51 6.73 -3.73
CA GLN A 72 1.18 7.67 -2.67
C GLN A 72 0.56 6.97 -1.46
N SER A 73 0.52 5.64 -1.48
CA SER A 73 -0.01 4.89 -0.34
C SER A 73 1.08 4.22 0.48
N SER A 74 2.25 4.02 -0.11
CA SER A 74 3.39 3.56 0.67
C SER A 74 4.01 4.82 1.22
N GLY A 75 4.35 4.80 2.50
CA GLY A 75 4.57 6.02 3.24
C GLY A 75 5.89 6.71 2.98
N LYS A 76 6.85 6.47 3.86
CA LYS A 76 8.14 7.12 3.78
C LYS A 76 8.93 6.60 2.57
N ASN A 77 8.69 5.34 2.21
CA ASN A 77 9.44 4.71 1.16
C ASN A 77 8.57 4.06 0.10
N VAL A 78 9.11 3.95 -1.10
CA VAL A 78 8.47 3.18 -2.15
C VAL A 78 9.55 2.50 -2.99
N THR A 79 9.29 1.26 -3.38
CA THR A 79 10.23 0.51 -4.18
C THR A 79 9.70 0.38 -5.60
N LEU A 80 10.50 0.76 -6.57
CA LEU A 80 10.06 0.72 -7.96
C LEU A 80 10.94 -0.14 -8.85
N LEU A 81 10.30 -0.99 -9.63
CA LEU A 81 10.97 -1.64 -10.74
C LEU A 81 10.56 -0.91 -12.02
N VAL A 82 11.52 -0.30 -12.70
CA VAL A 82 11.19 0.40 -13.94
C VAL A 82 12.03 -0.08 -15.10
N CYS A 83 11.68 0.38 -16.28
CA CYS A 83 12.43 0.08 -17.47
C CYS A 83 12.71 1.34 -18.28
N GLY A 84 13.99 1.60 -18.55
CA GLY A 84 14.41 2.74 -19.33
C GLY A 84 15.81 2.53 -19.89
N PRO B 4 -23.25 -4.74 2.62
CA PRO B 4 -22.63 -3.42 2.44
C PRO B 4 -22.20 -2.83 3.78
N LYS B 5 -20.94 -3.02 4.14
CA LYS B 5 -20.42 -2.67 5.46
C LYS B 5 -19.05 -2.04 5.29
N LEU B 6 -18.85 -0.86 5.87
CA LEU B 6 -17.56 -0.20 5.77
C LEU B 6 -16.92 -0.27 7.13
N CYS B 7 -15.71 -0.82 7.22
CA CYS B 7 -15.03 -0.89 8.52
C CYS B 7 -13.50 -0.83 8.50
N ARG B 8 -12.92 -0.55 9.66
CA ARG B 8 -11.50 -0.26 9.79
C ARG B 8 -10.89 -1.11 10.90
N LEU B 9 -9.97 -1.97 10.51
CA LEU B 9 -9.33 -2.90 11.42
C LEU B 9 -7.99 -2.40 11.94
N ALA B 10 -7.80 -2.53 13.25
CA ALA B 10 -6.50 -2.28 13.86
C ALA B 10 -5.80 -3.61 14.12
N LYS B 11 -4.63 -3.78 13.51
CA LYS B 11 -3.87 -5.02 13.59
C LYS B 11 -3.66 -5.38 15.06
N GLY B 12 -3.80 -6.66 15.38
CA GLY B 12 -3.63 -7.14 16.74
C GLY B 12 -2.32 -7.87 16.91
N GLU B 13 -2.09 -8.41 18.11
CA GLU B 13 -0.89 -9.18 18.38
C GLU B 13 -0.70 -10.23 17.30
N ASN B 14 -1.82 -10.78 16.82
CA ASN B 14 -1.80 -11.78 15.79
C ASN B 14 -2.65 -11.41 14.58
N GLY B 15 -2.32 -10.28 13.95
CA GLY B 15 -2.93 -9.88 12.70
C GLY B 15 -4.31 -9.25 12.80
N TYR B 16 -5.05 -9.30 11.70
CA TYR B 16 -6.39 -8.71 11.67
C TYR B 16 -7.45 -9.72 12.13
N GLY B 17 -7.05 -10.97 12.31
CA GLY B 17 -7.95 -12.01 12.79
C GLY B 17 -8.93 -12.54 11.77
N PHE B 18 -8.45 -12.79 10.55
CA PHE B 18 -9.24 -13.45 9.52
C PHE B 18 -8.35 -13.89 8.36
N HIS B 19 -8.86 -14.76 7.50
CA HIS B 19 -8.13 -15.15 6.30
C HIS B 19 -8.95 -14.84 5.06
N LEU B 20 -8.26 -14.63 3.94
CA LEU B 20 -8.93 -14.46 2.65
C LEU B 20 -8.96 -15.74 1.86
N ASN B 21 -10.04 -15.93 1.14
CA ASN B 21 -10.25 -17.14 0.37
C ASN B 21 -10.72 -16.75 -1.01
N ALA B 22 -10.43 -17.57 -1.99
CA ALA B 22 -10.88 -17.32 -3.35
C ALA B 22 -11.21 -18.64 -4.03
N ILE B 23 -11.94 -18.56 -5.13
CA ILE B 23 -12.02 -19.69 -6.02
C ILE B 23 -11.33 -19.31 -7.32
N ARG B 24 -10.27 -20.05 -7.66
CA ARG B 24 -9.34 -19.68 -8.72
C ARG B 24 -10.02 -19.26 -10.03
N GLY B 25 -9.58 -18.13 -10.59
CA GLY B 25 -10.17 -17.59 -11.81
C GLY B 25 -11.55 -17.01 -11.57
N LEU B 26 -12.14 -17.31 -10.41
CA LEU B 26 -13.40 -16.72 -9.98
C LEU B 26 -13.15 -15.42 -9.25
N PRO B 27 -13.68 -14.33 -9.78
CA PRO B 27 -13.46 -12.96 -9.32
C PRO B 27 -13.90 -12.74 -7.88
N GLY B 28 -13.17 -11.91 -7.15
CA GLY B 28 -13.55 -11.55 -5.81
C GLY B 28 -12.94 -12.44 -4.73
N SER B 29 -12.56 -11.81 -3.63
CA SER B 29 -12.05 -12.50 -2.47
C SER B 29 -13.10 -12.40 -1.38
N PHE B 30 -13.08 -13.35 -0.47
CA PHE B 30 -14.03 -13.29 0.63
C PHE B 30 -13.39 -13.77 1.94
N ILE B 31 -13.99 -13.36 3.04
CA ILE B 31 -13.45 -13.66 4.35
C ILE B 31 -13.72 -15.10 4.76
N LYS B 32 -12.75 -15.73 5.40
CA LYS B 32 -12.79 -17.18 5.56
C LYS B 32 -12.83 -17.63 7.02
N GLU B 33 -11.92 -17.09 7.86
CA GLU B 33 -11.78 -17.66 9.19
C GLU B 33 -11.75 -16.56 10.26
N VAL B 34 -12.88 -15.94 10.50
CA VAL B 34 -12.93 -14.83 11.46
C VAL B 34 -12.65 -15.28 12.89
N GLN B 35 -11.52 -14.83 13.43
CA GLN B 35 -11.14 -15.18 14.79
C GLN B 35 -12.06 -14.52 15.82
N LYS B 36 -12.72 -15.34 16.62
CA LYS B 36 -13.61 -14.83 17.68
C LYS B 36 -12.87 -13.86 18.59
N GLY B 37 -13.42 -12.66 18.73
CA GLY B 37 -12.82 -11.62 19.54
C GLY B 37 -11.70 -10.85 18.88
N GLY B 38 -11.37 -11.21 17.63
CA GLY B 38 -10.31 -10.56 16.89
C GLY B 38 -10.77 -9.24 16.30
N PRO B 39 -9.84 -8.47 15.71
CA PRO B 39 -10.19 -7.17 15.11
C PRO B 39 -11.31 -7.27 14.06
N ALA B 40 -11.17 -8.14 13.08
CA ALA B 40 -12.23 -8.36 12.11
C ALA B 40 -13.56 -8.71 12.80
N ASP B 41 -13.50 -9.62 13.77
CA ASP B 41 -14.72 -10.02 14.49
C ASP B 41 -15.41 -8.84 15.16
N LEU B 42 -14.64 -8.04 15.87
CA LEU B 42 -15.19 -6.91 16.60
C LEU B 42 -15.70 -5.84 15.64
N ALA B 43 -15.05 -5.72 14.48
CA ALA B 43 -15.43 -4.71 13.50
C ALA B 43 -16.69 -5.08 12.70
N GLY B 44 -17.22 -6.27 12.95
CA GLY B 44 -18.49 -6.67 12.38
C GLY B 44 -18.44 -7.62 11.20
N LEU B 45 -17.23 -7.95 10.74
CA LEU B 45 -17.05 -8.83 9.59
C LEU B 45 -17.47 -10.28 9.87
N GLU B 46 -17.82 -11.00 8.81
CA GLU B 46 -18.29 -12.39 8.92
C GLU B 46 -17.84 -13.25 7.75
N ASP B 47 -17.73 -14.56 7.99
CA ASP B 47 -17.32 -15.49 6.95
C ASP B 47 -18.13 -15.29 5.67
N GLU B 48 -17.44 -15.40 4.54
CA GLU B 48 -18.06 -15.29 3.22
C GLU B 48 -18.45 -13.85 2.85
N ASP B 49 -18.08 -12.87 3.67
CA ASP B 49 -18.18 -11.48 3.25
C ASP B 49 -17.28 -11.24 2.05
N VAL B 50 -17.78 -10.51 1.06
CA VAL B 50 -16.99 -10.23 -0.14
C VAL B 50 -16.28 -8.88 -0.06
N ILE B 51 -14.98 -8.88 -0.30
CA ILE B 51 -14.22 -7.64 -0.31
C ILE B 51 -14.46 -6.87 -1.61
N ILE B 52 -14.86 -5.62 -1.47
CA ILE B 52 -15.11 -4.79 -2.63
C ILE B 52 -14.03 -3.72 -2.75
N GLU B 53 -13.66 -3.11 -1.62
CA GLU B 53 -12.60 -2.13 -1.59
C GLU B 53 -11.64 -2.37 -0.45
N VAL B 54 -10.35 -2.21 -0.75
CA VAL B 54 -9.33 -2.14 0.28
C VAL B 54 -8.77 -0.71 0.26
N ASN B 55 -8.89 0.00 1.37
CA ASN B 55 -8.38 1.36 1.46
C ASN B 55 -8.88 2.24 0.29
N GLY B 56 -10.17 2.15 0.03
CA GLY B 56 -10.80 2.97 -0.99
C GLY B 56 -10.60 2.50 -2.42
N VAL B 57 -9.80 1.45 -2.62
CA VAL B 57 -9.54 0.93 -3.95
C VAL B 57 -10.40 -0.29 -4.25
N ASN B 58 -11.21 -0.19 -5.30
CA ASN B 58 -11.97 -1.35 -5.77
C ASN B 58 -11.05 -2.47 -6.21
N VAL B 59 -11.24 -3.68 -5.67
CA VAL B 59 -10.36 -4.81 -5.97
C VAL B 59 -11.08 -5.99 -6.59
N LEU B 60 -12.24 -5.74 -7.18
CA LEU B 60 -13.00 -6.82 -7.80
C LEU B 60 -12.32 -7.40 -9.05
N ASP B 61 -11.72 -6.52 -9.86
CA ASP B 61 -10.98 -6.94 -11.04
C ASP B 61 -9.50 -7.27 -10.72
N GLU B 62 -9.22 -7.65 -9.49
CA GLU B 62 -7.86 -7.97 -9.11
C GLU B 62 -7.76 -9.40 -8.61
N PRO B 63 -6.64 -10.06 -8.94
CA PRO B 63 -6.33 -11.43 -8.53
C PRO B 63 -6.32 -11.53 -7.02
N TYR B 64 -6.63 -12.71 -6.50
CA TYR B 64 -6.62 -12.97 -5.07
C TYR B 64 -5.30 -12.52 -4.44
N GLU B 65 -4.20 -12.74 -5.17
CA GLU B 65 -2.88 -12.43 -4.64
C GLU B 65 -2.64 -10.93 -4.46
N LYS B 66 -3.20 -10.13 -5.36
CA LYS B 66 -3.08 -8.68 -5.22
C LYS B 66 -3.88 -8.18 -4.04
N VAL B 67 -5.04 -8.78 -3.83
CA VAL B 67 -5.89 -8.40 -2.73
C VAL B 67 -5.21 -8.71 -1.41
N VAL B 68 -4.60 -9.89 -1.32
CA VAL B 68 -3.86 -10.26 -0.12
C VAL B 68 -2.71 -9.28 0.14
N ASP B 69 -1.98 -8.98 -0.91
CA ASP B 69 -0.91 -7.99 -0.82
C ASP B 69 -1.39 -6.62 -0.31
N ARG B 70 -2.46 -6.09 -0.88
CA ARG B 70 -2.96 -4.80 -0.44
C ARG B 70 -3.24 -4.74 1.05
N ILE B 71 -3.84 -5.80 1.58
CA ILE B 71 -4.20 -5.86 2.98
C ILE B 71 -2.97 -5.97 3.87
N GLN B 72 -2.04 -6.82 3.46
CA GLN B 72 -0.82 -7.01 4.22
C GLN B 72 0.16 -5.83 4.08
N SER B 73 -0.11 -4.91 3.14
CA SER B 73 0.78 -3.78 2.86
C SER B 73 0.40 -2.50 3.61
N SER B 74 -0.87 -2.39 4.03
CA SER B 74 -1.26 -1.30 4.93
C SER B 74 -0.96 -1.78 6.33
N GLY B 75 -0.30 -0.91 7.09
CA GLY B 75 0.43 -1.36 8.27
C GLY B 75 -0.43 -1.72 9.46
N LYS B 76 -0.54 -0.77 10.39
CA LYS B 76 -1.25 -1.01 11.63
C LYS B 76 -2.76 -1.09 11.37
N ASN B 77 -3.22 -0.41 10.31
CA ASN B 77 -4.64 -0.35 10.00
C ASN B 77 -4.96 -0.70 8.54
N VAL B 78 -6.17 -1.19 8.33
CA VAL B 78 -6.70 -1.38 7.00
C VAL B 78 -8.20 -1.07 6.98
N THR B 79 -8.64 -0.44 5.89
CA THR B 79 -10.03 -0.07 5.77
C THR B 79 -10.68 -0.94 4.70
N LEU B 80 -11.78 -1.61 5.06
CA LEU B 80 -12.43 -2.52 4.13
C LEU B 80 -13.87 -2.15 3.87
N LEU B 81 -14.25 -2.12 2.60
CA LEU B 81 -15.63 -2.10 2.24
C LEU B 81 -15.98 -3.50 1.79
N VAL B 82 -16.89 -4.16 2.50
CA VAL B 82 -17.30 -5.49 2.11
C VAL B 82 -18.81 -5.60 1.90
N CYS B 83 -19.22 -6.72 1.34
CA CYS B 83 -20.63 -7.01 1.21
C CYS B 83 -20.98 -8.37 1.81
N MET C 2 -13.00 12.87 20.47
CA MET C 2 -14.16 12.22 21.09
C MET C 2 -15.01 11.52 20.04
N LYS C 3 -15.09 11.91 18.81
CA LYS C 3 -16.08 11.38 17.87
C LYS C 3 -15.52 10.96 16.49
N PRO C 4 -14.93 9.76 16.40
CA PRO C 4 -14.39 9.30 15.11
C PRO C 4 -15.50 8.90 14.12
N LYS C 5 -15.24 9.08 12.82
CA LYS C 5 -16.23 8.72 11.82
C LYS C 5 -15.53 8.14 10.60
N LEU C 6 -15.92 6.93 10.23
CA LEU C 6 -15.44 6.30 9.00
C LEU C 6 -16.54 6.38 7.96
N CYS C 7 -16.25 7.01 6.84
CA CYS C 7 -17.31 7.15 5.87
C CYS C 7 -16.85 7.06 4.44
N ARG C 8 -17.82 6.97 3.54
CA ARG C 8 -17.52 6.87 2.13
C ARG C 8 -18.46 7.73 1.29
N LEU C 9 -17.89 8.78 0.69
CA LEU C 9 -18.65 9.73 -0.09
C LEU C 9 -18.72 9.33 -1.56
N ALA C 10 -19.92 9.37 -2.11
CA ALA C 10 -20.10 9.33 -3.55
C ALA C 10 -20.22 10.74 -4.09
N LYS C 11 -19.37 11.09 -5.05
CA LYS C 11 -19.38 12.41 -5.66
C LYS C 11 -20.76 12.76 -6.23
N GLY C 12 -21.20 14.01 -6.03
CA GLY C 12 -22.51 14.43 -6.51
C GLY C 12 -22.38 15.30 -7.73
N GLU C 13 -23.51 15.79 -8.24
CA GLU C 13 -23.51 16.70 -9.37
C GLU C 13 -22.52 17.83 -9.11
N ASN C 14 -22.42 18.24 -7.85
CA ASN C 14 -21.52 19.30 -7.45
C ASN C 14 -20.56 18.88 -6.33
N GLY C 15 -19.77 17.85 -6.60
CA GLY C 15 -18.69 17.44 -5.70
C GLY C 15 -19.11 16.59 -4.52
N TYR C 16 -18.25 16.57 -3.49
CA TYR C 16 -18.55 15.86 -2.26
C TYR C 16 -19.37 16.69 -1.25
N GLY C 17 -19.55 17.98 -1.52
CA GLY C 17 -20.37 18.83 -0.69
C GLY C 17 -19.72 19.25 0.60
N PHE C 18 -18.44 19.61 0.52
CA PHE C 18 -17.72 20.24 1.63
C PHE C 18 -16.39 20.84 1.18
N HIS C 19 -15.82 21.71 2.01
CA HIS C 19 -14.52 22.28 1.70
C HIS C 19 -13.53 21.99 2.82
N LEU C 20 -12.24 21.95 2.47
CA LEU C 20 -11.20 21.74 3.46
C LEU C 20 -10.55 23.05 3.90
N ASN C 21 -10.17 23.09 5.18
CA ASN C 21 -9.48 24.23 5.78
C ASN C 21 -8.24 23.80 6.60
N ALA C 22 -7.33 24.75 6.84
CA ALA C 22 -6.06 24.42 7.50
C ALA C 22 -5.68 25.39 8.64
N ILE C 23 -4.92 24.88 9.61
CA ILE C 23 -4.43 25.70 10.74
C ILE C 23 -3.06 26.31 10.42
N ARG C 24 -2.84 27.55 10.87
CA ARG C 24 -1.56 28.20 10.64
C ARG C 24 -0.46 27.45 11.38
N GLY C 25 0.61 27.09 10.66
CA GLY C 25 1.78 26.47 11.25
C GLY C 25 1.57 25.05 11.76
N LEU C 26 0.33 24.60 11.73
CA LEU C 26 -0.03 23.31 12.30
C LEU C 26 -0.32 22.34 11.17
N PRO C 27 0.06 21.07 11.34
CA PRO C 27 -0.31 20.04 10.35
C PRO C 27 -1.78 19.71 10.46
N GLY C 28 -2.38 19.22 9.37
CA GLY C 28 -3.76 18.78 9.41
C GLY C 28 -4.72 19.61 8.60
N SER C 29 -5.87 19.02 8.31
CA SER C 29 -6.96 19.68 7.62
C SER C 29 -8.25 19.40 8.38
N PHE C 30 -9.25 20.23 8.16
CA PHE C 30 -10.57 19.99 8.74
C PHE C 30 -11.68 20.51 7.83
N ILE C 31 -12.87 19.95 8.02
CA ILE C 31 -13.99 20.23 7.16
C ILE C 31 -14.52 21.63 7.45
N LYS C 32 -14.95 22.32 6.40
CA LYS C 32 -15.28 23.74 6.54
C LYS C 32 -16.73 24.11 6.21
N GLU C 33 -17.25 23.63 5.09
CA GLU C 33 -18.55 24.13 4.63
C GLU C 33 -19.45 23.01 4.15
N VAL C 34 -19.89 22.18 5.07
CA VAL C 34 -20.74 21.04 4.70
C VAL C 34 -22.05 21.49 4.06
N GLN C 35 -22.25 21.10 2.81
CA GLN C 35 -23.45 21.45 2.08
C GLN C 35 -24.63 20.63 2.59
N LYS C 36 -25.67 21.32 3.07
CA LYS C 36 -26.89 20.66 3.56
C LYS C 36 -27.43 19.71 2.49
N GLY C 37 -27.63 18.45 2.86
CA GLY C 37 -28.14 17.44 1.95
C GLY C 37 -27.12 16.88 0.97
N GLY C 38 -25.89 17.35 1.05
CA GLY C 38 -24.82 16.87 0.20
C GLY C 38 -24.23 15.55 0.66
N PRO C 39 -23.35 14.97 -0.14
CA PRO C 39 -22.78 13.65 0.20
C PRO C 39 -22.12 13.63 1.59
N ALA C 40 -21.23 14.58 1.85
CA ALA C 40 -20.62 14.72 3.17
C ALA C 40 -21.66 14.86 4.26
N ASP C 41 -22.68 15.69 4.01
CA ASP C 41 -23.73 15.90 5.00
C ASP C 41 -24.47 14.61 5.34
N LEU C 42 -24.88 13.88 4.32
CA LEU C 42 -25.61 12.65 4.51
C LEU C 42 -24.72 11.59 5.16
N ALA C 43 -23.43 11.61 4.84
CA ALA C 43 -22.51 10.62 5.39
C ALA C 43 -22.13 10.87 6.84
N GLY C 44 -22.66 11.95 7.42
CA GLY C 44 -22.49 12.21 8.84
C GLY C 44 -21.44 13.25 9.20
N LEU C 45 -20.71 13.76 8.22
CA LEU C 45 -19.61 14.68 8.50
C LEU C 45 -20.11 16.03 8.99
N GLU C 46 -19.25 16.75 9.70
CA GLU C 46 -19.60 18.06 10.26
C GLU C 46 -18.43 19.05 10.25
N ASP C 47 -18.74 20.34 10.30
CA ASP C 47 -17.72 21.38 10.28
C ASP C 47 -16.71 21.15 11.38
N GLU C 48 -15.44 21.39 11.04
CA GLU C 48 -14.35 21.26 11.99
C GLU C 48 -13.96 19.82 12.34
N ASP C 49 -14.54 18.84 11.65
CA ASP C 49 -14.05 17.47 11.72
C ASP C 49 -12.64 17.43 11.15
N VAL C 50 -11.77 16.71 11.82
CA VAL C 50 -10.39 16.60 11.37
C VAL C 50 -10.18 15.35 10.52
N ILE C 51 -9.53 15.54 9.38
CA ILE C 51 -9.22 14.41 8.50
C ILE C 51 -7.98 13.69 8.99
N ILE C 52 -8.11 12.38 9.16
CA ILE C 52 -7.01 11.58 9.67
C ILE C 52 -6.52 10.67 8.56
N GLU C 53 -7.45 10.07 7.84
CA GLU C 53 -7.09 9.24 6.70
C GLU C 53 -7.93 9.51 5.47
N VAL C 54 -7.27 9.52 4.31
CA VAL C 54 -7.96 9.57 3.03
C VAL C 54 -7.64 8.27 2.31
N ASN C 55 -8.68 7.50 2.02
CA ASN C 55 -8.50 6.19 1.40
C ASN C 55 -7.46 5.34 2.12
N GLY C 56 -7.55 5.28 3.44
CA GLY C 56 -6.67 4.45 4.25
C GLY C 56 -5.28 5.00 4.52
N VAL C 57 -4.95 6.14 3.92
CA VAL C 57 -3.65 6.77 4.11
C VAL C 57 -3.75 7.89 5.14
N ASN C 58 -2.93 7.77 6.18
CA ASN C 58 -2.81 8.82 7.19
C ASN C 58 -2.23 10.08 6.57
N VAL C 59 -2.92 11.21 6.74
CA VAL C 59 -2.50 12.47 6.12
C VAL C 59 -2.24 13.59 7.13
N LEU C 60 -1.99 13.22 8.39
CA LEU C 60 -1.68 14.20 9.42
C LEU C 60 -0.33 14.93 9.18
N ASP C 61 0.69 14.19 8.74
CA ASP C 61 1.98 14.77 8.44
C ASP C 61 2.07 15.28 6.99
N GLU C 62 0.92 15.62 6.43
CA GLU C 62 0.88 16.08 5.04
C GLU C 62 0.32 17.48 4.94
N PRO C 63 0.90 18.30 4.05
CA PRO C 63 0.47 19.67 3.81
C PRO C 63 -0.98 19.72 3.37
N TYR C 64 -1.65 20.82 3.65
CA TYR C 64 -3.05 21.00 3.28
C TYR C 64 -3.27 20.73 1.79
N GLU C 65 -2.29 21.11 0.97
CA GLU C 65 -2.39 20.95 -0.48
C GLU C 65 -2.37 19.49 -0.92
N LYS C 66 -1.56 18.65 -0.28
CA LYS C 66 -1.54 17.22 -0.59
C LYS C 66 -2.87 16.58 -0.22
N VAL C 67 -3.43 17.00 0.90
CA VAL C 67 -4.67 16.42 1.37
C VAL C 67 -5.81 16.75 0.40
N VAL C 68 -5.84 17.99 -0.05
CA VAL C 68 -6.79 18.40 -1.08
C VAL C 68 -6.62 17.59 -2.36
N ASP C 69 -5.37 17.41 -2.80
CA ASP C 69 -5.07 16.60 -3.97
C ASP C 69 -5.57 15.16 -3.81
N ARG C 70 -5.28 14.53 -2.68
CA ARG C 70 -5.71 13.16 -2.46
C ARG C 70 -7.21 12.97 -2.65
N ILE C 71 -7.98 13.91 -2.11
CA ILE C 71 -9.44 13.82 -2.15
C ILE C 71 -9.98 14.08 -3.55
N GLN C 72 -9.39 15.04 -4.26
CA GLN C 72 -9.79 15.32 -5.63
C GLN C 72 -9.14 14.38 -6.66
N SER C 73 -8.37 13.40 -6.19
CA SER C 73 -7.75 12.44 -7.10
C SER C 73 -8.46 11.09 -7.11
N SER C 74 -9.19 10.76 -6.04
CA SER C 74 -10.04 9.58 -6.07
C SER C 74 -11.30 10.02 -6.75
N GLY C 75 -11.79 9.20 -7.66
CA GLY C 75 -12.78 9.67 -8.62
C GLY C 75 -14.18 9.83 -8.09
N LYS C 76 -15.00 8.84 -8.34
CA LYS C 76 -16.41 8.90 -8.00
C LYS C 76 -16.61 8.79 -6.49
N ASN C 77 -15.66 8.12 -5.84
CA ASN C 77 -15.74 7.89 -4.40
C ASN C 77 -14.48 8.27 -3.63
N VAL C 78 -14.66 8.59 -2.36
CA VAL C 78 -13.54 8.78 -1.47
C VAL C 78 -13.91 8.27 -0.10
N THR C 79 -12.96 7.65 0.57
CA THR C 79 -13.19 7.14 1.89
C THR C 79 -12.42 7.95 2.92
N LEU C 80 -13.12 8.44 3.93
CA LEU C 80 -12.51 9.32 4.91
C LEU C 80 -12.63 8.75 6.31
N LEU C 81 -11.51 8.75 7.03
CA LEU C 81 -11.56 8.59 8.46
C LEU C 81 -11.39 9.98 9.07
N VAL C 82 -12.39 10.48 9.80
CA VAL C 82 -12.24 11.76 10.48
C VAL C 82 -12.47 11.65 11.96
N CYS C 83 -12.18 12.74 12.67
CA CYS C 83 -12.46 12.84 14.09
C CYS C 83 -13.17 14.14 14.45
N GLY C 84 -14.31 14.05 15.12
CA GLY C 84 -15.07 15.22 15.54
C GLY C 84 -14.81 15.56 17.01
N MET D 2 28.38 -2.64 6.22
CA MET D 2 26.95 -2.87 6.19
C MET D 2 26.33 -2.40 4.89
N LYS D 3 26.14 -3.32 3.94
CA LYS D 3 25.58 -2.96 2.64
C LYS D 3 24.07 -3.21 2.52
N PRO D 4 23.32 -2.20 2.04
CA PRO D 4 21.91 -2.45 1.68
C PRO D 4 21.82 -3.01 0.27
N LYS D 5 20.89 -3.91 0.05
CA LYS D 5 20.72 -4.60 -1.23
C LYS D 5 19.26 -4.63 -1.64
N LEU D 6 18.97 -4.33 -2.86
CA LEU D 6 17.61 -4.47 -3.35
C LEU D 6 17.62 -5.57 -4.39
N CYS D 7 16.92 -6.65 -4.06
CA CYS D 7 16.93 -7.87 -4.87
C CYS D 7 15.51 -8.22 -5.25
N ARG D 8 15.31 -8.61 -6.51
CA ARG D 8 14.04 -9.17 -6.94
C ARG D 8 14.25 -10.59 -7.42
N LEU D 9 13.70 -11.55 -6.68
CA LEU D 9 13.86 -12.96 -6.98
C LEU D 9 12.74 -13.50 -7.83
N ALA D 10 13.10 -14.23 -8.88
CA ALA D 10 12.14 -15.02 -9.63
C ALA D 10 12.21 -16.44 -9.13
N LYS D 11 11.06 -16.98 -8.70
CA LYS D 11 10.98 -18.33 -8.19
C LYS D 11 11.49 -19.33 -9.22
N GLY D 12 12.25 -20.33 -8.76
CA GLY D 12 12.80 -21.33 -9.66
C GLY D 12 12.07 -22.64 -9.54
N GLU D 13 12.53 -23.65 -10.27
CA GLU D 13 11.92 -24.98 -10.19
C GLU D 13 11.82 -25.41 -8.73
N ASN D 14 12.80 -25.00 -7.93
CA ASN D 14 12.81 -25.32 -6.50
C ASN D 14 12.94 -24.10 -5.60
N GLY D 15 11.97 -23.19 -5.73
CA GLY D 15 11.86 -22.05 -4.83
C GLY D 15 12.78 -20.89 -5.14
N TYR D 16 13.02 -20.06 -4.12
CA TYR D 16 13.89 -18.89 -4.28
C TYR D 16 15.37 -19.23 -4.01
N GLY D 17 15.61 -20.43 -3.50
CA GLY D 17 16.96 -20.91 -3.28
C GLY D 17 17.63 -20.37 -2.03
N PHE D 18 16.88 -20.27 -0.94
CA PHE D 18 17.41 -19.90 0.37
C PHE D 18 16.43 -20.23 1.49
N HIS D 19 16.92 -20.23 2.72
CA HIS D 19 16.03 -20.43 3.86
C HIS D 19 16.16 -19.28 4.84
N LEU D 20 15.07 -19.00 5.57
CA LEU D 20 15.07 -17.96 6.60
C LEU D 20 15.34 -18.54 7.99
N ASN D 21 16.02 -17.74 8.81
CA ASN D 21 16.32 -18.08 10.19
C ASN D 21 15.99 -16.88 11.07
N ALA D 22 15.65 -17.15 12.34
CA ALA D 22 15.31 -16.07 13.26
C ALA D 22 16.20 -16.05 14.49
N ILE D 23 15.91 -15.12 15.40
CA ILE D 23 16.71 -14.97 16.62
C ILE D 23 15.88 -14.92 17.90
N ARG D 24 16.55 -15.16 19.02
CA ARG D 24 15.90 -15.09 20.32
C ARG D 24 15.94 -13.66 20.85
N GLY D 25 14.77 -13.11 21.15
CA GLY D 25 14.66 -11.75 21.65
C GLY D 25 14.80 -10.71 20.55
N LEU D 26 15.99 -10.65 19.95
CA LEU D 26 16.28 -9.75 18.85
C LEU D 26 15.24 -9.82 17.74
N PRO D 27 14.64 -8.67 17.39
CA PRO D 27 13.69 -8.62 16.28
C PRO D 27 14.46 -8.58 14.96
N GLY D 28 14.04 -9.39 14.00
CA GLY D 28 14.71 -9.46 12.70
C GLY D 28 14.91 -10.90 12.23
N SER D 29 14.94 -11.09 10.91
CA SER D 29 15.16 -12.40 10.29
C SER D 29 16.41 -12.37 9.40
N PHE D 30 16.93 -13.54 9.03
CA PHE D 30 18.10 -13.53 8.16
C PHE D 30 18.26 -14.76 7.30
N ILE D 31 18.99 -14.59 6.21
CA ILE D 31 19.12 -15.63 5.21
C ILE D 31 20.06 -16.71 5.72
N LYS D 32 19.76 -17.97 5.40
CA LYS D 32 20.44 -19.08 6.04
C LYS D 32 21.20 -20.02 5.11
N GLU D 33 20.57 -20.43 4.01
CA GLU D 33 21.17 -21.47 3.17
C GLU D 33 21.08 -21.16 1.69
N VAL D 34 21.80 -20.12 1.26
CA VAL D 34 21.75 -19.72 -0.15
C VAL D 34 22.25 -20.81 -1.11
N GLN D 35 21.33 -21.31 -1.93
CA GLN D 35 21.64 -22.35 -2.89
C GLN D 35 22.52 -21.78 -4.00
N LYS D 36 23.71 -22.35 -4.16
CA LYS D 36 24.63 -21.93 -5.22
C LYS D 36 23.93 -21.98 -6.57
N GLY D 37 23.96 -20.87 -7.29
CA GLY D 37 23.35 -20.80 -8.61
C GLY D 37 21.84 -20.59 -8.58
N GLY D 38 21.26 -20.52 -7.39
CA GLY D 38 19.84 -20.29 -7.22
C GLY D 38 19.48 -18.83 -7.39
N PRO D 39 18.17 -18.52 -7.41
CA PRO D 39 17.71 -17.14 -7.62
C PRO D 39 18.30 -16.16 -6.59
N ALA D 40 18.17 -16.47 -5.31
CA ALA D 40 18.80 -15.66 -4.27
C ALA D 40 20.29 -15.48 -4.51
N ASP D 41 20.99 -16.57 -4.85
CA ASP D 41 22.42 -16.50 -5.09
C ASP D 41 22.76 -15.54 -6.23
N LEU D 42 22.04 -15.66 -7.34
CA LEU D 42 22.32 -14.85 -8.51
C LEU D 42 21.96 -13.39 -8.26
N ALA D 43 20.92 -13.17 -7.45
CA ALA D 43 20.47 -11.82 -7.13
C ALA D 43 21.36 -11.10 -6.11
N GLY D 44 22.39 -11.78 -5.62
CA GLY D 44 23.41 -11.12 -4.81
C GLY D 44 23.31 -11.37 -3.31
N LEU D 45 22.25 -12.05 -2.87
CA LEU D 45 22.05 -12.34 -1.46
C LEU D 45 23.09 -13.28 -0.86
N GLU D 46 23.30 -13.16 0.46
CA GLU D 46 24.30 -13.98 1.17
C GLU D 46 23.85 -14.37 2.58
N ASP D 47 24.40 -15.47 3.08
CA ASP D 47 24.07 -15.97 4.41
C ASP D 47 24.18 -14.85 5.46
N GLU D 48 23.22 -14.83 6.38
CA GLU D 48 23.21 -13.87 7.48
C GLU D 48 22.82 -12.45 7.06
N ASP D 49 22.40 -12.29 5.79
CA ASP D 49 21.75 -11.04 5.39
C ASP D 49 20.47 -10.88 6.19
N VAL D 50 20.21 -9.67 6.65
CA VAL D 50 19.01 -9.38 7.41
C VAL D 50 17.92 -8.81 6.51
N ILE D 51 16.72 -9.39 6.61
CA ILE D 51 15.58 -8.89 5.85
C ILE D 51 15.00 -7.67 6.53
N ILE D 52 14.84 -6.60 5.76
CA ILE D 52 14.30 -5.35 6.28
C ILE D 52 12.92 -5.11 5.69
N GLU D 53 12.80 -5.34 4.38
CA GLU D 53 11.51 -5.21 3.71
C GLU D 53 11.20 -6.38 2.79
N VAL D 54 9.94 -6.81 2.81
CA VAL D 54 9.44 -7.77 1.85
C VAL D 54 8.36 -7.06 1.03
N ASN D 55 8.59 -6.94 -0.27
CA ASN D 55 7.67 -6.21 -1.14
C ASN D 55 7.31 -4.83 -0.60
N GLY D 56 8.33 -4.09 -0.15
CA GLY D 56 8.17 -2.72 0.33
C GLY D 56 7.63 -2.58 1.73
N VAL D 57 7.25 -3.69 2.35
CA VAL D 57 6.79 -3.68 3.74
C VAL D 57 7.92 -3.99 4.73
N ASN D 58 8.19 -3.06 5.64
CA ASN D 58 9.12 -3.28 6.73
C ASN D 58 8.66 -4.43 7.62
N VAL D 59 9.52 -5.41 7.84
CA VAL D 59 9.14 -6.60 8.61
C VAL D 59 9.97 -6.81 9.86
N LEU D 60 10.61 -5.75 10.34
CA LEU D 60 11.47 -5.87 11.51
C LEU D 60 10.68 -6.15 12.79
N ASP D 61 9.53 -5.51 12.92
CA ASP D 61 8.66 -5.71 14.09
C ASP D 61 7.69 -6.87 13.88
N GLU D 62 8.06 -7.80 13.00
CA GLU D 62 7.20 -8.94 12.69
CA GLU D 62 7.18 -8.84 12.66
C GLU D 62 7.87 -10.25 13.07
N PRO D 63 7.07 -11.19 13.60
CA PRO D 63 7.53 -12.52 13.96
C PRO D 63 8.13 -13.22 12.74
N TYR D 64 9.08 -14.12 13.01
CA TYR D 64 9.69 -14.91 11.96
C TYR D 64 8.67 -15.60 11.06
N GLU D 65 7.58 -16.06 11.66
CA GLU D 65 6.52 -16.76 10.93
C GLU D 65 5.79 -15.86 9.93
N LYS D 66 5.55 -14.60 10.29
CA LYS D 66 4.90 -13.65 9.38
C LYS D 66 5.82 -13.35 8.21
N VAL D 67 7.11 -13.26 8.50
CA VAL D 67 8.07 -12.96 7.44
C VAL D 67 8.11 -14.10 6.43
N VAL D 68 8.17 -15.33 6.94
CA VAL D 68 8.11 -16.50 6.07
C VAL D 68 6.85 -16.51 5.22
N ASP D 69 5.70 -16.22 5.84
CA ASP D 69 4.43 -16.16 5.13
C ASP D 69 4.44 -15.12 4.00
N ARG D 70 4.91 -13.92 4.29
CA ARG D 70 4.97 -12.87 3.28
C ARG D 70 5.73 -13.30 2.05
N ILE D 71 6.85 -13.98 2.26
CA ILE D 71 7.70 -14.38 1.15
C ILE D 71 7.04 -15.50 0.34
N GLN D 72 6.42 -16.44 1.03
CA GLN D 72 5.75 -17.55 0.37
C GLN D 72 4.35 -17.19 -0.10
N SER D 73 3.96 -15.93 0.07
CA SER D 73 2.65 -15.47 -0.38
C SER D 73 2.72 -14.64 -1.66
N SER D 74 3.87 -14.04 -1.93
CA SER D 74 4.07 -13.43 -3.25
C SER D 74 4.48 -14.56 -4.18
N GLY D 75 3.88 -14.60 -5.35
CA GLY D 75 3.93 -15.80 -6.18
C GLY D 75 5.25 -16.05 -6.88
N LYS D 76 5.29 -15.68 -8.16
CA LYS D 76 6.45 -15.97 -8.99
C LYS D 76 7.64 -15.12 -8.58
N ASN D 77 7.36 -13.93 -8.04
CA ASN D 77 8.41 -13.01 -7.67
C ASN D 77 8.27 -12.49 -6.25
N VAL D 78 9.40 -12.08 -5.69
CA VAL D 78 9.43 -11.39 -4.41
C VAL D 78 10.53 -10.35 -4.44
N THR D 79 10.27 -9.20 -3.84
CA THR D 79 11.26 -8.14 -3.80
C THR D 79 11.75 -7.96 -2.36
N LEU D 80 13.06 -8.02 -2.18
CA LEU D 80 13.62 -7.95 -0.84
C LEU D 80 14.57 -6.78 -0.69
N LEU D 81 14.40 -6.04 0.40
CA LEU D 81 15.43 -5.12 0.84
C LEU D 81 16.15 -5.77 2.02
N VAL D 82 17.44 -6.06 1.87
CA VAL D 82 18.18 -6.66 2.97
C VAL D 82 19.39 -5.82 3.35
N CYS D 83 20.00 -6.20 4.46
CA CYS D 83 21.26 -5.59 4.85
C CYS D 83 22.34 -6.60 5.16
N GLY D 84 23.50 -6.41 4.52
CA GLY D 84 24.69 -7.21 4.76
C GLY D 84 25.86 -6.37 5.25
#